data_3WDW
#
_entry.id   3WDW
#
_cell.length_a   111.540
_cell.length_b   93.901
_cell.length_c   75.010
_cell.angle_alpha   90.00
_cell.angle_beta   116.95
_cell.angle_gamma   90.00
#
_symmetry.space_group_name_H-M   'C 1 2 1'
#
loop_
_entity.id
_entity.type
_entity.pdbx_description
1 polymer Beta-1,3-1,4-glucanase
2 non-polymer 'SULFATE ION'
3 water water
#
_entity_poly.entity_id   1
_entity_poly.type   'polypeptide(L)'
_entity_poly.pdbx_seq_one_letter_code
;EFYHLVDDYGRGNGFFDKFNFFTGDDPTHGYVDYVSRDVAAGAGLIGERDGRTYMGVDFTNPASGRGRRSVRLESKNTYE
HGLIVIDLAHMPGSVCGTWPAFWTLGTGDWPYGGAIDIIEGVNDNTFNHMVLHTSDGCTIDNDGFTGNLKTSNCYVYAPG
QDANAGCGIEATDPNSYGKGFNSIGGGIYATEITPNGISIWFFPRGSEPGDVLGDNPNPANWDTPAAKFAGGGCDWEGKF
NAQRLIFDVTFCGDWAGNVWGIGGCASRAANCVDFVRDNPSAFAESYWLVNSLRVYAP
;
_entity_poly.pdbx_strand_id   A,B
#
# COMPACT_ATOMS: atom_id res chain seq x y z
N GLU A 1 -12.74 -9.35 -35.78
CA GLU A 1 -11.73 -10.44 -35.70
C GLU A 1 -11.34 -10.77 -34.26
N PHE A 2 -11.51 -9.80 -33.34
CA PHE A 2 -11.16 -10.01 -31.94
C PHE A 2 -12.27 -9.57 -30.99
N TYR A 3 -12.78 -8.36 -31.19
CA TYR A 3 -13.86 -7.85 -30.35
C TYR A 3 -14.70 -6.98 -31.24
N HIS A 4 -15.99 -6.92 -30.97
CA HIS A 4 -16.87 -6.04 -31.74
C HIS A 4 -17.66 -5.19 -30.75
N LEU A 5 -18.00 -3.97 -31.15
CA LEU A 5 -18.75 -3.08 -30.28
C LEU A 5 -20.17 -3.61 -30.02
N VAL A 6 -20.62 -3.55 -28.77
CA VAL A 6 -22.00 -3.93 -28.46
C VAL A 6 -22.70 -2.69 -27.91
N ASP A 7 -21.95 -1.73 -27.37
CA ASP A 7 -22.58 -0.50 -26.87
C ASP A 7 -21.66 0.69 -26.80
N ASP A 8 -22.04 1.77 -27.46
CA ASP A 8 -21.31 3.04 -27.36
C ASP A 8 -22.29 3.86 -26.55
N TYR A 9 -21.88 4.30 -25.36
CA TYR A 9 -22.78 5.03 -24.49
C TYR A 9 -23.04 6.50 -24.82
N GLY A 10 -22.44 6.99 -25.89
CA GLY A 10 -22.67 8.36 -26.27
C GLY A 10 -22.29 9.38 -25.23
N ARG A 11 -23.07 10.46 -25.15
CA ARG A 11 -22.77 11.54 -24.23
C ARG A 11 -24.01 12.29 -23.78
N GLY A 12 -23.90 13.02 -22.68
CA GLY A 12 -25.03 13.82 -22.24
C GLY A 12 -26.29 13.06 -21.96
N ASN A 13 -27.43 13.65 -22.34
CA ASN A 13 -28.71 13.01 -22.08
C ASN A 13 -28.82 11.63 -22.70
N GLY A 14 -28.25 11.42 -23.87
CA GLY A 14 -28.29 10.10 -24.47
C GLY A 14 -27.57 9.09 -23.58
N PHE A 15 -26.47 9.53 -23.00
CA PHE A 15 -25.65 8.72 -22.09
C PHE A 15 -26.49 8.49 -20.79
N PHE A 16 -27.06 9.54 -20.25
CA PHE A 16 -27.83 9.37 -19.01
C PHE A 16 -29.04 8.47 -19.12
N ASP A 17 -29.69 8.49 -20.29
CA ASP A 17 -30.87 7.65 -20.55
C ASP A 17 -30.51 6.16 -20.46
N LYS A 18 -29.23 5.84 -20.59
CA LYS A 18 -28.80 4.45 -20.53
C LYS A 18 -28.57 3.95 -19.10
N PHE A 19 -28.75 4.81 -18.11
CA PHE A 19 -28.56 4.42 -16.72
C PHE A 19 -29.79 4.70 -15.86
N ASN A 20 -29.92 3.93 -14.79
CA ASN A 20 -30.96 4.16 -13.79
C ASN A 20 -30.23 4.94 -12.67
N PHE A 21 -30.84 5.99 -12.13
CA PHE A 21 -30.18 6.71 -11.02
C PHE A 21 -30.64 6.08 -9.71
N PHE A 22 -29.68 5.63 -8.92
CA PHE A 22 -29.94 4.96 -7.63
C PHE A 22 -30.18 6.08 -6.63
N THR A 23 -31.25 5.97 -5.84
CA THR A 23 -31.52 7.01 -4.87
C THR A 23 -31.72 6.44 -3.45
N GLY A 24 -31.47 5.15 -3.29
CA GLY A 24 -31.63 4.54 -1.97
C GLY A 24 -30.49 4.92 -1.06
N ASP A 25 -30.62 4.61 0.23
CA ASP A 25 -29.55 4.87 1.19
C ASP A 25 -28.31 4.13 0.69
N ASP A 26 -27.14 4.71 0.88
CA ASP A 26 -25.92 4.08 0.41
C ASP A 26 -25.68 2.67 0.97
N PRO A 27 -25.48 1.67 0.09
CA PRO A 27 -25.24 0.35 0.67
C PRO A 27 -23.93 0.34 1.52
N THR A 28 -22.96 1.20 1.21
CA THR A 28 -21.74 1.23 2.02
C THR A 28 -21.79 2.23 3.20
N HIS A 29 -23.01 2.60 3.58
CA HIS A 29 -23.30 3.45 4.72
C HIS A 29 -22.59 4.80 4.79
N GLY A 30 -22.33 5.39 3.61
CA GLY A 30 -21.67 6.66 3.60
C GLY A 30 -22.56 7.82 3.92
N TYR A 31 -21.93 8.96 4.18
CA TYR A 31 -22.63 10.20 4.49
C TYR A 31 -22.89 10.82 3.12
N VAL A 32 -23.84 10.24 2.40
CA VAL A 32 -24.15 10.69 1.07
C VAL A 32 -25.64 10.73 0.83
N ASP A 33 -26.05 11.61 -0.10
CA ASP A 33 -27.45 11.74 -0.45
C ASP A 33 -27.50 11.58 -1.97
N TYR A 34 -27.80 10.36 -2.41
CA TYR A 34 -27.88 10.06 -3.84
C TYR A 34 -29.20 10.63 -4.31
N VAL A 35 -29.14 11.58 -5.24
CA VAL A 35 -30.36 12.22 -5.70
C VAL A 35 -30.75 11.80 -7.11
N SER A 36 -32.00 12.06 -7.45
CA SER A 36 -32.59 11.67 -8.72
C SER A 36 -31.93 12.45 -9.85
N ARG A 37 -32.16 12.01 -11.08
CA ARG A 37 -31.62 12.69 -12.24
C ARG A 37 -32.10 14.14 -12.32
N ASP A 38 -33.39 14.37 -12.10
CA ASP A 38 -33.90 15.75 -12.18
C ASP A 38 -33.25 16.65 -11.13
N VAL A 39 -33.14 16.16 -9.90
CA VAL A 39 -32.49 16.96 -8.86
C VAL A 39 -31.00 17.18 -9.15
N ALA A 40 -30.32 16.14 -9.64
CA ALA A 40 -28.90 16.25 -9.96
C ALA A 40 -28.72 17.31 -11.03
N ALA A 41 -29.52 17.26 -12.09
CA ALA A 41 -29.39 18.28 -13.13
C ALA A 41 -29.66 19.68 -12.56
N GLY A 42 -30.64 19.79 -11.67
CA GLY A 42 -30.96 21.09 -11.10
C GLY A 42 -29.89 21.63 -10.17
N ALA A 43 -29.01 20.75 -9.72
CA ALA A 43 -27.93 21.14 -8.79
C ALA A 43 -26.55 21.22 -9.49
N GLY A 44 -26.53 21.03 -10.81
CA GLY A 44 -25.27 21.08 -11.52
C GLY A 44 -24.42 19.81 -11.33
N LEU A 45 -24.99 18.72 -10.83
CA LEU A 45 -24.22 17.49 -10.61
C LEU A 45 -24.04 16.62 -11.84
N ILE A 46 -24.85 16.84 -12.88
CA ILE A 46 -24.69 16.08 -14.11
C ILE A 46 -24.91 17.05 -15.24
N GLY A 47 -24.30 16.76 -16.38
CA GLY A 47 -24.47 17.63 -17.54
C GLY A 47 -23.44 17.26 -18.61
N GLU A 48 -23.25 18.18 -19.54
CA GLU A 48 -22.30 17.99 -20.63
C GLU A 48 -21.33 19.16 -20.54
N ARG A 49 -20.05 18.91 -20.75
CA ARG A 49 -19.03 19.95 -20.74
C ARG A 49 -18.21 19.80 -22.02
N ASP A 50 -18.49 20.68 -22.97
CA ASP A 50 -17.81 20.66 -24.26
C ASP A 50 -17.76 19.25 -24.86
N GLY A 51 -18.90 18.58 -24.89
CA GLY A 51 -18.90 17.26 -25.51
C GLY A 51 -18.55 16.10 -24.61
N ARG A 52 -18.10 16.40 -23.38
CA ARG A 52 -17.77 15.34 -22.43
C ARG A 52 -18.93 15.24 -21.42
N THR A 53 -19.11 14.06 -20.84
CA THR A 53 -20.21 13.87 -19.90
C THR A 53 -19.73 14.04 -18.48
N TYR A 54 -20.39 14.95 -17.76
CA TYR A 54 -20.00 15.31 -16.39
C TYR A 54 -20.89 14.67 -15.32
N MET A 55 -20.27 14.15 -14.26
CA MET A 55 -21.01 13.56 -13.13
C MET A 55 -20.20 13.95 -11.89
N GLY A 56 -20.79 14.79 -11.02
CA GLY A 56 -20.06 15.26 -9.84
C GLY A 56 -20.88 15.31 -8.56
N VAL A 57 -20.34 15.99 -7.56
CA VAL A 57 -21.03 16.12 -6.27
C VAL A 57 -21.22 17.61 -5.95
N ASP A 58 -22.01 17.85 -4.93
CA ASP A 58 -22.32 19.21 -4.45
C ASP A 58 -21.06 19.72 -3.73
N PHE A 59 -20.45 20.81 -4.22
CA PHE A 59 -19.30 21.39 -3.53
C PHE A 59 -19.63 22.83 -3.15
N THR A 60 -20.92 23.10 -3.00
CA THR A 60 -21.43 24.44 -2.68
C THR A 60 -22.10 24.56 -1.32
N ASN A 61 -22.97 23.61 -1.03
CA ASN A 61 -23.76 23.70 0.17
C ASN A 61 -23.33 22.85 1.37
N PRO A 62 -23.52 23.38 2.58
CA PRO A 62 -23.19 22.65 3.81
C PRO A 62 -24.16 21.49 3.67
N ALA A 63 -23.77 20.28 4.06
CA ALA A 63 -24.66 19.14 3.87
C ALA A 63 -25.70 18.98 4.98
N SER A 64 -26.75 18.23 4.67
CA SER A 64 -27.77 17.96 5.65
C SER A 64 -28.45 16.67 5.22
N GLY A 65 -29.41 16.21 6.02
CA GLY A 65 -30.11 14.99 5.67
C GLY A 65 -29.17 13.80 5.72
N ARG A 66 -29.28 12.94 4.72
CA ARG A 66 -28.46 11.72 4.61
C ARG A 66 -26.96 11.99 4.42
N GLY A 67 -26.62 13.16 3.88
CA GLY A 67 -25.24 13.45 3.62
C GLY A 67 -25.10 14.34 2.40
N ARG A 68 -23.87 14.47 1.92
CA ARG A 68 -23.57 15.33 0.78
C ARG A 68 -24.14 14.76 -0.53
N ARG A 69 -24.79 15.61 -1.31
CA ARG A 69 -25.44 15.19 -2.53
C ARG A 69 -24.51 14.70 -3.62
N SER A 70 -24.84 13.53 -4.17
CA SER A 70 -24.04 12.93 -5.22
C SER A 70 -24.97 12.09 -6.09
N VAL A 71 -24.43 11.35 -7.05
CA VAL A 71 -25.27 10.51 -7.89
C VAL A 71 -24.62 9.15 -8.01
N ARG A 72 -25.45 8.15 -8.23
CA ARG A 72 -24.98 6.78 -8.42
C ARG A 72 -25.74 6.29 -9.64
N LEU A 73 -25.03 6.12 -10.75
CA LEU A 73 -25.66 5.66 -12.00
C LEU A 73 -25.36 4.19 -12.25
N GLU A 74 -26.39 3.41 -12.58
CA GLU A 74 -26.22 1.99 -12.83
C GLU A 74 -26.78 1.68 -14.23
N SER A 75 -25.99 1.03 -15.08
CA SER A 75 -26.45 0.77 -16.44
C SER A 75 -27.66 -0.13 -16.53
N LYS A 76 -28.51 0.18 -17.51
CA LYS A 76 -29.68 -0.64 -17.77
C LYS A 76 -29.22 -1.96 -18.41
N ASN A 77 -28.24 -1.88 -19.33
CA ASN A 77 -27.71 -3.08 -19.98
C ASN A 77 -26.70 -3.81 -19.09
N THR A 78 -26.57 -5.12 -19.28
CA THR A 78 -25.64 -5.92 -18.48
C THR A 78 -24.84 -6.78 -19.43
N TYR A 79 -23.67 -7.24 -18.96
CA TYR A 79 -22.76 -8.02 -19.76
C TYR A 79 -22.16 -9.15 -18.96
N GLU A 80 -22.16 -10.34 -19.52
CA GLU A 80 -21.56 -11.47 -18.82
C GLU A 80 -20.08 -11.57 -19.12
N HIS A 81 -19.68 -11.18 -20.33
CA HIS A 81 -18.28 -11.22 -20.74
C HIS A 81 -18.08 -10.08 -21.69
N GLY A 82 -16.84 -9.64 -21.84
CA GLY A 82 -16.61 -8.55 -22.77
C GLY A 82 -15.41 -7.71 -22.38
N LEU A 83 -15.32 -6.54 -23.03
CA LEU A 83 -14.25 -5.58 -22.80
C LEU A 83 -14.91 -4.22 -22.60
N ILE A 84 -14.67 -3.62 -21.45
CA ILE A 84 -15.27 -2.32 -21.12
C ILE A 84 -14.14 -1.31 -21.22
N VAL A 85 -14.30 -0.29 -22.04
CA VAL A 85 -13.22 0.69 -22.21
C VAL A 85 -13.77 2.07 -21.87
N ILE A 86 -13.16 2.74 -20.89
CA ILE A 86 -13.60 4.09 -20.56
C ILE A 86 -12.44 5.05 -20.73
N ASP A 87 -12.69 6.16 -21.44
CA ASP A 87 -11.68 7.21 -21.70
C ASP A 87 -12.19 8.38 -20.88
N LEU A 88 -11.40 8.77 -19.90
CA LEU A 88 -11.76 9.80 -18.96
C LEU A 88 -10.87 11.02 -19.05
N ALA A 89 -11.43 12.21 -19.15
CA ALA A 89 -10.60 13.40 -19.14
C ALA A 89 -10.32 13.76 -17.68
N HIS A 90 -11.20 13.30 -16.77
CA HIS A 90 -11.08 13.64 -15.37
C HIS A 90 -11.83 12.62 -14.52
N MET A 91 -11.35 12.39 -13.30
CA MET A 91 -12.06 11.48 -12.38
C MET A 91 -12.04 12.15 -11.04
N PRO A 92 -12.87 11.68 -10.10
CA PRO A 92 -12.88 12.33 -8.80
C PRO A 92 -11.49 12.40 -8.19
N GLY A 93 -11.17 13.57 -7.64
CA GLY A 93 -9.85 13.78 -7.07
C GLY A 93 -9.52 13.05 -5.79
N SER A 94 -8.27 13.20 -5.36
CA SER A 94 -7.78 12.56 -4.14
C SER A 94 -8.23 13.44 -2.97
N VAL A 95 -9.53 13.58 -2.81
CA VAL A 95 -10.08 14.44 -1.79
C VAL A 95 -10.48 13.74 -0.49
N CYS A 96 -9.98 14.27 0.62
CA CYS A 96 -10.32 13.72 1.94
C CYS A 96 -11.81 13.56 2.10
N GLY A 97 -12.20 12.40 2.58
CA GLY A 97 -13.59 12.09 2.81
C GLY A 97 -14.36 11.45 1.67
N THR A 98 -13.79 11.45 0.46
CA THR A 98 -14.51 10.90 -0.67
C THR A 98 -14.17 9.44 -0.94
N TRP A 99 -15.02 8.78 -1.70
CA TRP A 99 -14.83 7.37 -2.04
C TRP A 99 -15.53 7.17 -3.40
N PRO A 100 -14.84 7.53 -4.48
CA PRO A 100 -15.40 7.39 -5.82
C PRO A 100 -15.15 5.98 -6.37
N ALA A 101 -16.00 5.56 -7.29
CA ALA A 101 -15.80 4.25 -7.88
C ALA A 101 -16.49 4.13 -9.22
N PHE A 102 -15.77 3.54 -10.17
CA PHE A 102 -16.35 3.20 -11.47
C PHE A 102 -16.15 1.68 -11.39
N TRP A 103 -17.24 0.93 -11.39
CA TRP A 103 -17.16 -0.52 -11.21
C TRP A 103 -18.36 -1.23 -11.81
N THR A 104 -18.38 -2.56 -11.69
CA THR A 104 -19.50 -3.35 -12.20
C THR A 104 -20.04 -4.25 -11.10
N LEU A 105 -21.32 -4.54 -11.19
CA LEU A 105 -22.04 -5.32 -10.19
C LEU A 105 -22.95 -6.34 -10.83
N GLY A 106 -22.86 -7.59 -10.39
CA GLY A 106 -23.69 -8.64 -10.96
C GLY A 106 -25.12 -8.57 -10.46
N THR A 107 -25.98 -9.40 -11.04
CA THR A 107 -27.38 -9.43 -10.68
C THR A 107 -27.52 -10.31 -9.47
N GLY A 108 -28.66 -10.20 -8.80
CA GLY A 108 -28.88 -11.02 -7.64
C GLY A 108 -28.37 -10.35 -6.39
N ASP A 109 -28.37 -11.10 -5.30
CA ASP A 109 -27.93 -10.59 -4.02
C ASP A 109 -26.42 -10.49 -3.94
N TRP A 110 -25.97 -9.41 -3.32
CA TRP A 110 -24.56 -9.12 -3.10
C TRP A 110 -24.06 -10.14 -2.11
N PRO A 111 -22.87 -10.71 -2.33
CA PRO A 111 -21.91 -10.53 -3.43
C PRO A 111 -21.95 -11.73 -4.37
N TYR A 112 -23.07 -12.45 -4.34
CA TYR A 112 -23.22 -13.67 -5.14
C TYR A 112 -23.15 -13.51 -6.66
N GLY A 113 -23.35 -12.29 -7.15
CA GLY A 113 -23.29 -12.06 -8.58
C GLY A 113 -21.91 -11.52 -8.94
N GLY A 114 -21.11 -11.31 -7.91
CA GLY A 114 -19.78 -10.77 -8.13
C GLY A 114 -19.83 -9.25 -8.33
N ALA A 115 -18.65 -8.62 -8.28
CA ALA A 115 -18.49 -7.17 -8.48
C ALA A 115 -17.04 -6.89 -8.85
N ILE A 116 -16.81 -5.96 -9.77
CA ILE A 116 -15.47 -5.62 -10.21
C ILE A 116 -15.22 -4.12 -10.05
N ASP A 117 -14.33 -3.73 -9.14
CA ASP A 117 -14.06 -2.30 -8.94
C ASP A 117 -12.89 -1.94 -9.86
N ILE A 118 -13.17 -1.15 -10.89
CA ILE A 118 -12.16 -0.77 -11.87
C ILE A 118 -11.32 0.44 -11.47
N ILE A 119 -12.01 1.51 -11.06
CA ILE A 119 -11.36 2.71 -10.59
C ILE A 119 -11.98 2.92 -9.23
N GLU A 120 -11.15 2.95 -8.19
CA GLU A 120 -11.66 3.13 -6.85
C GLU A 120 -10.56 3.55 -5.87
N GLY A 121 -10.93 4.37 -4.90
CA GLY A 121 -9.98 4.82 -3.87
C GLY A 121 -10.74 5.58 -2.78
N VAL A 122 -10.03 5.99 -1.73
CA VAL A 122 -10.64 6.74 -0.66
C VAL A 122 -9.74 7.86 -0.21
N ASN A 123 -10.37 8.92 0.30
CA ASN A 123 -9.64 10.04 0.87
C ASN A 123 -8.49 10.53 0.03
N ASP A 124 -7.31 10.66 0.62
CA ASP A 124 -6.19 11.17 -0.18
C ASP A 124 -5.33 10.13 -0.88
N ASN A 125 -5.93 9.01 -1.24
CA ASN A 125 -5.19 7.95 -1.92
C ASN A 125 -4.52 8.50 -3.18
N THR A 126 -3.38 7.91 -3.51
CA THR A 126 -2.55 8.27 -4.65
C THR A 126 -2.68 7.24 -5.81
N PHE A 127 -2.77 5.98 -5.42
CA PHE A 127 -2.80 4.87 -6.36
C PHE A 127 -4.16 4.22 -6.52
N ASN A 128 -4.51 3.88 -7.75
CA ASN A 128 -5.79 3.23 -7.95
C ASN A 128 -5.81 1.83 -7.33
N HIS A 129 -6.99 1.44 -6.82
CA HIS A 129 -7.19 0.11 -6.25
C HIS A 129 -8.15 -0.62 -7.16
N MET A 130 -7.76 -1.81 -7.63
CA MET A 130 -8.63 -2.61 -8.50
C MET A 130 -8.97 -3.81 -7.62
N VAL A 131 -10.27 -3.98 -7.34
CA VAL A 131 -10.70 -4.99 -6.39
C VAL A 131 -11.92 -5.78 -6.81
N LEU A 132 -11.90 -7.12 -6.64
CA LEU A 132 -13.10 -7.90 -6.94
C LEU A 132 -13.77 -8.30 -5.62
N HIS A 133 -15.07 -8.59 -5.71
CA HIS A 133 -15.86 -8.98 -4.55
C HIS A 133 -16.69 -10.20 -4.98
N THR A 134 -16.56 -11.29 -4.25
CA THR A 134 -17.32 -12.49 -4.59
C THR A 134 -17.81 -13.16 -3.33
N SER A 135 -18.48 -14.28 -3.52
CA SER A 135 -18.94 -15.10 -2.40
C SER A 135 -17.69 -15.96 -2.08
N ASP A 136 -17.78 -16.86 -1.10
CA ASP A 136 -16.62 -17.69 -0.71
C ASP A 136 -16.18 -18.71 -1.75
N GLY A 137 -14.87 -18.90 -1.86
CA GLY A 137 -14.34 -19.84 -2.82
C GLY A 137 -13.73 -19.19 -4.06
N CYS A 138 -13.11 -18.03 -3.91
CA CYS A 138 -12.49 -17.37 -5.05
C CYS A 138 -11.23 -16.59 -4.61
N THR A 139 -10.05 -17.12 -4.98
CA THR A 139 -8.78 -16.49 -4.66
C THR A 139 -8.00 -16.33 -5.99
N ILE A 140 -7.04 -15.42 -6.00
CA ILE A 140 -6.28 -15.10 -7.20
C ILE A 140 -4.79 -15.38 -7.09
N ASP A 141 -4.16 -15.58 -8.24
CA ASP A 141 -2.73 -15.88 -8.31
C ASP A 141 -1.92 -14.57 -8.30
N ASN A 142 -0.60 -14.71 -8.22
CA ASN A 142 0.28 -13.54 -8.14
C ASN A 142 0.88 -13.08 -9.43
N ASP A 143 0.55 -13.70 -10.55
CA ASP A 143 1.23 -13.20 -11.73
C ASP A 143 0.44 -12.62 -12.89
N GLY A 144 1.20 -12.05 -13.81
CA GLY A 144 0.62 -11.49 -15.01
C GLY A 144 0.23 -10.04 -14.94
N PHE A 145 0.66 -9.32 -13.91
CA PHE A 145 0.28 -7.90 -13.82
C PHE A 145 1.39 -7.04 -13.25
N THR A 146 1.27 -5.72 -13.41
CA THR A 146 2.30 -4.82 -12.92
C THR A 146 2.02 -4.22 -11.55
N GLY A 147 0.76 -4.27 -11.13
CA GLY A 147 0.43 -3.69 -9.84
C GLY A 147 0.93 -4.51 -8.67
N ASN A 148 0.68 -4.00 -7.47
CA ASN A 148 1.11 -4.68 -6.25
C ASN A 148 -0.09 -5.36 -5.64
N LEU A 149 -0.12 -6.69 -5.61
CA LEU A 149 -1.27 -7.36 -5.01
C LEU A 149 -1.34 -7.08 -3.51
N LYS A 150 -2.51 -6.72 -3.02
CA LYS A 150 -2.65 -6.43 -1.60
C LYS A 150 -3.39 -7.54 -0.87
N THR A 151 -4.49 -8.03 -1.46
CA THR A 151 -5.27 -9.12 -0.86
C THR A 151 -5.55 -10.16 -1.97
N SER A 152 -5.49 -11.44 -1.61
CA SER A 152 -5.67 -12.51 -2.58
C SER A 152 -7.01 -13.24 -2.55
N ASN A 153 -7.79 -13.00 -1.50
CA ASN A 153 -9.08 -13.67 -1.34
C ASN A 153 -10.22 -12.73 -1.75
N CYS A 154 -11.00 -13.11 -2.77
CA CYS A 154 -12.07 -12.24 -3.25
C CYS A 154 -13.34 -12.32 -2.41
N TYR A 155 -13.43 -13.33 -1.55
CA TYR A 155 -14.60 -13.48 -0.68
C TYR A 155 -14.70 -12.24 0.22
N VAL A 156 -15.78 -11.48 0.07
CA VAL A 156 -15.97 -10.24 0.81
C VAL A 156 -15.84 -10.39 2.31
N TYR A 157 -16.39 -11.46 2.84
CA TYR A 157 -16.40 -11.69 4.28
C TYR A 157 -15.35 -12.66 4.82
N ALA A 158 -14.27 -12.85 4.08
CA ALA A 158 -13.20 -13.72 4.53
C ALA A 158 -12.69 -13.24 5.88
N PRO A 159 -12.26 -14.19 6.73
CA PRO A 159 -11.73 -14.08 8.08
C PRO A 159 -10.94 -12.82 8.49
N GLY A 160 -9.88 -12.46 7.81
CA GLY A 160 -9.23 -11.25 8.31
C GLY A 160 -9.19 -10.20 7.23
N GLN A 161 -10.25 -10.16 6.43
CA GLN A 161 -10.31 -9.27 5.29
C GLN A 161 -9.96 -7.80 5.50
N ASP A 162 -9.27 -7.27 4.50
CA ASP A 162 -8.81 -5.90 4.44
C ASP A 162 -10.03 -4.95 4.29
N ALA A 163 -9.82 -3.67 4.53
CA ALA A 163 -10.88 -2.68 4.40
C ALA A 163 -11.40 -2.62 2.96
N ASN A 164 -10.62 -3.11 2.00
CA ASN A 164 -11.09 -3.09 0.60
C ASN A 164 -12.18 -4.16 0.38
N ALA A 165 -12.42 -4.99 1.41
CA ALA A 165 -13.48 -5.98 1.34
C ALA A 165 -13.48 -6.90 0.11
N GLY A 166 -12.29 -7.30 -0.35
CA GLY A 166 -12.18 -8.18 -1.50
C GLY A 166 -10.73 -8.47 -1.84
N CYS A 167 -10.47 -8.92 -3.06
CA CYS A 167 -9.11 -9.22 -3.53
C CYS A 167 -8.68 -8.04 -4.35
N GLY A 168 -7.75 -7.24 -3.82
CA GLY A 168 -7.33 -6.05 -4.52
C GLY A 168 -5.87 -5.98 -4.92
N ILE A 169 -5.64 -5.31 -6.05
CA ILE A 169 -4.30 -5.07 -6.60
C ILE A 169 -4.19 -3.56 -6.73
N GLU A 170 -3.09 -2.98 -6.27
CA GLU A 170 -2.89 -1.54 -6.28
C GLU A 170 -1.95 -1.13 -7.42
N ALA A 171 -2.35 -0.13 -8.21
CA ALA A 171 -1.54 0.36 -9.32
C ALA A 171 -0.22 0.93 -8.80
N THR A 172 0.80 1.01 -9.65
CA THR A 172 2.07 1.56 -9.21
C THR A 172 2.33 2.92 -9.81
N ASP A 173 1.52 3.34 -10.77
CA ASP A 173 1.69 4.68 -11.36
C ASP A 173 0.87 5.65 -10.51
N PRO A 174 1.50 6.70 -9.95
CA PRO A 174 0.72 7.64 -9.12
C PRO A 174 -0.29 8.47 -9.92
N ASN A 175 -0.22 8.39 -11.24
CA ASN A 175 -1.18 9.08 -12.11
C ASN A 175 -2.35 8.15 -12.47
N SER A 176 -2.45 7.02 -11.77
CA SER A 176 -3.51 6.06 -12.02
C SER A 176 -4.79 6.47 -11.33
N TYR A 177 -4.71 7.49 -10.48
CA TYR A 177 -5.88 7.88 -9.71
C TYR A 177 -5.84 9.30 -9.23
N GLY A 178 -7.04 9.82 -9.02
CA GLY A 178 -7.22 11.14 -8.45
C GLY A 178 -6.40 12.27 -8.95
N LYS A 179 -5.69 12.93 -8.03
CA LYS A 179 -4.93 14.11 -8.35
C LYS A 179 -3.98 13.96 -9.53
N GLY A 180 -3.10 12.95 -9.45
CA GLY A 180 -2.13 12.70 -10.50
C GLY A 180 -2.79 12.41 -11.83
N PHE A 181 -3.82 11.57 -11.79
CA PHE A 181 -4.59 11.22 -13.00
C PHE A 181 -5.18 12.49 -13.64
N ASN A 182 -5.73 13.39 -12.83
CA ASN A 182 -6.29 14.60 -13.43
C ASN A 182 -5.21 15.53 -13.94
N SER A 183 -4.09 15.56 -13.25
CA SER A 183 -3.00 16.43 -13.64
C SER A 183 -2.48 16.14 -15.05
N ILE A 184 -2.60 14.90 -15.52
CA ILE A 184 -2.13 14.57 -16.85
C ILE A 184 -3.25 14.52 -17.88
N GLY A 185 -4.44 14.99 -17.54
CA GLY A 185 -5.52 14.92 -18.51
C GLY A 185 -6.17 13.56 -18.59
N GLY A 186 -6.02 12.80 -17.52
CA GLY A 186 -6.66 11.49 -17.42
C GLY A 186 -6.03 10.40 -18.24
N GLY A 187 -6.89 9.52 -18.73
CA GLY A 187 -6.42 8.38 -19.50
C GLY A 187 -7.51 7.36 -19.75
N ILE A 188 -7.11 6.14 -20.05
CA ILE A 188 -8.07 5.11 -20.38
C ILE A 188 -7.91 3.86 -19.51
N TYR A 189 -9.05 3.33 -19.08
CA TYR A 189 -9.08 2.11 -18.30
C TYR A 189 -9.85 1.10 -19.13
N ALA A 190 -9.21 -0.02 -19.42
CA ALA A 190 -9.82 -1.09 -20.20
C ALA A 190 -9.89 -2.33 -19.30
N THR A 191 -11.08 -2.93 -19.21
CA THR A 191 -11.35 -4.10 -18.39
C THR A 191 -11.87 -5.28 -19.23
N GLU A 192 -11.20 -6.41 -19.18
CA GLU A 192 -11.63 -7.58 -19.93
C GLU A 192 -12.15 -8.65 -19.00
N ILE A 193 -13.32 -9.19 -19.33
CA ILE A 193 -13.96 -10.23 -18.51
C ILE A 193 -14.11 -11.49 -19.39
N THR A 194 -13.46 -12.59 -19.01
CA THR A 194 -13.55 -13.85 -19.75
C THR A 194 -13.92 -14.99 -18.81
N PRO A 195 -14.21 -16.18 -19.34
CA PRO A 195 -14.56 -17.27 -18.43
C PRO A 195 -13.35 -17.74 -17.62
N ASN A 196 -12.18 -17.20 -17.91
CA ASN A 196 -10.96 -17.62 -17.22
C ASN A 196 -10.36 -16.50 -16.36
N GLY A 197 -11.07 -15.39 -16.21
CA GLY A 197 -10.51 -14.32 -15.41
C GLY A 197 -10.82 -12.90 -15.88
N ILE A 198 -10.27 -11.94 -15.14
CA ILE A 198 -10.48 -10.54 -15.42
C ILE A 198 -9.13 -9.83 -15.46
N SER A 199 -8.96 -8.92 -16.41
CA SER A 199 -7.73 -8.15 -16.51
C SER A 199 -8.07 -6.67 -16.62
N ILE A 200 -7.27 -5.81 -16.03
CA ILE A 200 -7.52 -4.35 -16.12
C ILE A 200 -6.24 -3.61 -16.51
N TRP A 201 -6.32 -2.84 -17.61
CA TRP A 201 -5.20 -2.06 -18.10
C TRP A 201 -5.44 -0.56 -17.86
N PHE A 202 -4.38 0.17 -17.53
CA PHE A 202 -4.45 1.63 -17.35
C PHE A 202 -3.44 2.27 -18.30
N PHE A 203 -3.94 3.13 -19.20
CA PHE A 203 -3.10 3.83 -20.16
C PHE A 203 -3.17 5.31 -19.88
N PRO A 204 -2.09 5.88 -19.34
CA PRO A 204 -2.04 7.33 -19.04
C PRO A 204 -2.24 8.06 -20.37
N ARG A 205 -2.87 9.22 -20.30
CA ARG A 205 -3.16 10.00 -21.49
C ARG A 205 -2.05 9.97 -22.56
N GLY A 206 -2.41 9.66 -23.80
CA GLY A 206 -1.43 9.62 -24.90
C GLY A 206 -0.61 8.34 -25.08
N SER A 207 -0.68 7.41 -24.14
CA SER A 207 0.13 6.19 -24.24
C SER A 207 -0.69 4.96 -24.61
N GLU A 208 -1.99 5.16 -24.83
CA GLU A 208 -2.83 4.02 -25.15
C GLU A 208 -2.52 3.36 -26.50
N PRO A 209 -2.88 2.07 -26.64
CA PRO A 209 -2.64 1.35 -27.90
C PRO A 209 -3.52 1.97 -29.01
N GLY A 210 -3.04 1.94 -30.25
CA GLY A 210 -3.82 2.53 -31.32
C GLY A 210 -5.19 1.91 -31.60
N ASP A 211 -5.50 0.77 -31.00
CA ASP A 211 -6.78 0.14 -31.27
C ASP A 211 -7.77 0.16 -30.11
N VAL A 212 -7.37 0.71 -28.97
CA VAL A 212 -8.27 0.67 -27.82
C VAL A 212 -9.57 1.45 -27.95
N LEU A 213 -9.59 2.47 -28.80
CA LEU A 213 -10.79 3.28 -28.99
C LEU A 213 -11.55 2.95 -30.28
N GLY A 214 -10.98 2.08 -31.11
CA GLY A 214 -11.60 1.76 -32.37
C GLY A 214 -12.66 0.67 -32.35
N ASP A 215 -12.87 0.06 -33.49
CA ASP A 215 -13.89 -0.97 -33.55
C ASP A 215 -13.45 -2.42 -33.43
N ASN A 216 -12.17 -2.68 -33.23
CA ASN A 216 -11.70 -4.07 -33.09
C ASN A 216 -10.52 -4.14 -32.12
N PRO A 217 -10.74 -3.70 -30.87
CA PRO A 217 -9.62 -3.73 -29.90
C PRO A 217 -9.10 -5.14 -29.72
N ASN A 218 -7.80 -5.30 -29.51
CA ASN A 218 -7.26 -6.65 -29.31
C ASN A 218 -6.29 -6.65 -28.14
N PRO A 219 -6.81 -6.98 -26.96
CA PRO A 219 -6.02 -7.01 -25.74
C PRO A 219 -4.87 -8.01 -25.75
N ALA A 220 -5.00 -9.07 -26.53
CA ALA A 220 -3.92 -10.05 -26.54
C ALA A 220 -2.59 -9.40 -26.88
N ASN A 221 -2.61 -8.29 -27.60
CA ASN A 221 -1.36 -7.60 -27.93
C ASN A 221 -0.97 -6.37 -27.08
N TRP A 222 -1.70 -6.11 -26.01
CA TRP A 222 -1.37 -4.95 -25.19
C TRP A 222 -0.26 -5.27 -24.18
N ASP A 223 0.35 -4.23 -23.60
CA ASP A 223 1.39 -4.48 -22.62
C ASP A 223 0.75 -5.13 -21.41
N THR A 224 1.56 -5.59 -20.48
CA THR A 224 1.07 -6.23 -19.27
C THR A 224 0.05 -5.35 -18.53
N PRO A 225 -1.08 -5.94 -18.12
CA PRO A 225 -2.08 -5.14 -17.41
C PRO A 225 -1.62 -4.75 -16.01
N ALA A 226 -2.26 -3.72 -15.45
CA ALA A 226 -1.96 -3.27 -14.10
C ALA A 226 -2.50 -4.30 -13.11
N ALA A 227 -3.62 -4.93 -13.44
CA ALA A 227 -4.18 -5.97 -12.58
C ALA A 227 -4.69 -7.14 -13.41
N LYS A 228 -4.50 -8.35 -12.90
CA LYS A 228 -5.01 -9.54 -13.57
C LYS A 228 -5.53 -10.38 -12.43
N PHE A 229 -6.76 -10.85 -12.56
CA PHE A 229 -7.40 -11.68 -11.53
C PHE A 229 -7.68 -13.01 -12.21
N ALA A 230 -6.87 -14.01 -11.86
CA ALA A 230 -7.00 -15.31 -12.47
C ALA A 230 -6.39 -16.42 -11.63
N GLY A 231 -6.60 -17.66 -12.07
CA GLY A 231 -6.06 -18.79 -11.34
C GLY A 231 -7.05 -19.89 -11.01
N GLY A 232 -6.52 -21.07 -10.68
CA GLY A 232 -7.37 -22.20 -10.36
C GLY A 232 -8.13 -22.10 -9.06
N GLY A 233 -7.83 -21.09 -8.25
CA GLY A 233 -8.53 -20.94 -6.99
C GLY A 233 -9.91 -20.26 -7.09
N CYS A 234 -10.45 -20.13 -8.29
CA CYS A 234 -11.75 -19.49 -8.45
C CYS A 234 -12.48 -19.99 -9.71
N ASP A 235 -13.79 -20.13 -9.60
CA ASP A 235 -14.59 -20.51 -10.76
C ASP A 235 -15.01 -19.15 -11.36
N TRP A 236 -14.16 -18.60 -12.23
CA TRP A 236 -14.41 -17.30 -12.81
C TRP A 236 -15.71 -17.17 -13.56
N GLU A 237 -16.17 -18.27 -14.14
CA GLU A 237 -17.39 -18.19 -14.90
C GLU A 237 -18.57 -18.14 -13.96
N GLY A 238 -18.56 -19.00 -12.93
CA GLY A 238 -19.69 -19.04 -12.00
C GLY A 238 -19.78 -17.97 -10.93
N LYS A 239 -18.64 -17.41 -10.53
CA LYS A 239 -18.61 -16.39 -9.47
C LYS A 239 -19.11 -15.02 -9.89
N PHE A 240 -19.19 -14.79 -11.20
CA PHE A 240 -19.67 -13.51 -11.72
C PHE A 240 -20.77 -13.72 -12.73
N ASN A 241 -21.87 -12.99 -12.60
CA ASN A 241 -22.90 -13.12 -13.62
C ASN A 241 -22.99 -11.83 -14.43
N ALA A 242 -24.16 -11.54 -15.04
CA ALA A 242 -24.32 -10.37 -15.86
C ALA A 242 -24.05 -9.11 -15.04
N GLN A 243 -23.07 -8.35 -15.45
CA GLN A 243 -22.61 -7.16 -14.75
C GLN A 243 -23.18 -5.85 -15.30
N ARG A 244 -23.55 -4.92 -14.42
CA ARG A 244 -24.03 -3.60 -14.88
C ARG A 244 -22.92 -2.61 -14.49
N LEU A 245 -22.73 -1.54 -15.28
CA LEU A 245 -21.69 -0.54 -15.03
C LEU A 245 -22.22 0.49 -14.07
N ILE A 246 -21.39 0.90 -13.12
CA ILE A 246 -21.78 1.86 -12.13
C ILE A 246 -20.78 2.98 -11.91
N PHE A 247 -21.28 4.22 -11.83
CA PHE A 247 -20.48 5.38 -11.49
C PHE A 247 -21.00 5.92 -10.18
N ASP A 248 -20.14 6.15 -9.19
CA ASP A 248 -20.63 6.77 -7.98
C ASP A 248 -19.54 7.49 -7.24
N VAL A 249 -19.96 8.34 -6.32
CA VAL A 249 -19.02 8.96 -5.40
C VAL A 249 -19.78 8.98 -4.08
N THR A 250 -19.30 8.25 -3.11
CA THR A 250 -19.93 8.33 -1.82
C THR A 250 -18.93 9.03 -0.89
N PHE A 251 -19.27 9.17 0.39
CA PHE A 251 -18.40 9.86 1.37
C PHE A 251 -18.37 9.08 2.66
N CYS A 252 -17.23 9.09 3.32
CA CYS A 252 -17.08 8.42 4.60
C CYS A 252 -17.56 6.96 4.48
N GLY A 253 -18.42 6.50 5.38
CA GLY A 253 -18.89 5.14 5.24
C GLY A 253 -17.93 4.02 5.61
N ASP A 254 -18.29 2.80 5.21
CA ASP A 254 -17.52 1.59 5.54
C ASP A 254 -16.02 1.58 5.31
N TRP A 255 -15.56 2.21 4.25
CA TRP A 255 -14.14 2.24 3.99
C TRP A 255 -13.58 3.63 4.34
N ALA A 256 -13.88 4.64 3.54
CA ALA A 256 -13.34 5.99 3.79
C ALA A 256 -13.54 6.55 5.21
N GLY A 257 -14.76 6.42 5.72
CA GLY A 257 -15.03 6.91 7.04
C GLY A 257 -14.32 6.09 8.10
N ASN A 258 -14.24 4.79 7.92
CA ASN A 258 -13.59 3.94 8.93
C ASN A 258 -12.09 4.09 9.04
N VAL A 259 -11.41 4.47 7.94
CA VAL A 259 -9.96 4.64 7.98
C VAL A 259 -9.53 6.09 8.08
N TRP A 260 -10.50 6.99 8.12
CA TRP A 260 -10.22 8.42 8.23
C TRP A 260 -9.25 8.78 9.32
N GLY A 261 -9.54 8.33 10.54
CA GLY A 261 -8.72 8.67 11.69
C GLY A 261 -7.28 8.17 11.77
N ILE A 262 -6.90 7.23 10.93
CA ILE A 262 -5.54 6.73 11.01
C ILE A 262 -4.70 7.16 9.82
N GLY A 263 -5.32 7.84 8.86
CA GLY A 263 -4.59 8.26 7.67
C GLY A 263 -4.21 9.73 7.56
N GLY A 264 -3.82 10.14 6.36
CA GLY A 264 -3.38 11.52 6.16
C GLY A 264 -4.43 12.61 6.23
N CYS A 265 -5.70 12.24 6.32
CA CYS A 265 -6.77 13.22 6.42
C CYS A 265 -7.19 13.42 7.88
N ALA A 266 -6.64 12.62 8.79
CA ALA A 266 -7.03 12.67 10.19
C ALA A 266 -7.02 14.06 10.84
N SER A 267 -6.06 14.87 10.46
CA SER A 267 -5.96 16.20 11.07
C SER A 267 -6.95 17.23 10.56
N ARG A 268 -7.72 16.86 9.54
CA ARG A 268 -8.67 17.79 8.94
C ARG A 268 -9.92 18.04 9.75
N ALA A 269 -10.29 17.08 10.57
CA ALA A 269 -11.48 17.17 11.39
C ALA A 269 -11.48 15.93 12.27
N ALA A 270 -12.19 15.99 13.39
CA ALA A 270 -12.23 14.85 14.30
C ALA A 270 -12.71 13.62 13.56
N ASN A 271 -13.75 13.75 12.75
CA ASN A 271 -14.18 12.60 11.99
C ASN A 271 -14.58 12.99 10.58
N CYS A 272 -14.71 11.97 9.73
CA CYS A 272 -15.07 12.16 8.33
C CYS A 272 -16.38 12.92 8.10
N VAL A 273 -17.44 12.54 8.81
CA VAL A 273 -18.70 13.22 8.63
C VAL A 273 -18.64 14.72 8.85
N ASP A 274 -17.97 15.17 9.92
CA ASP A 274 -17.89 16.59 10.20
C ASP A 274 -17.23 17.31 9.02
N PHE A 275 -16.15 16.71 8.53
CA PHE A 275 -15.43 17.31 7.43
C PHE A 275 -16.31 17.44 6.19
N VAL A 276 -16.92 16.34 5.75
CA VAL A 276 -17.75 16.39 4.56
C VAL A 276 -18.95 17.34 4.70
N ARG A 277 -19.57 17.37 5.87
CA ARG A 277 -20.71 18.24 6.09
C ARG A 277 -20.39 19.73 6.03
N ASP A 278 -19.29 20.12 6.66
CA ASP A 278 -18.94 21.53 6.79
C ASP A 278 -17.95 22.15 5.81
N ASN A 279 -17.40 21.37 4.88
CA ASN A 279 -16.43 21.93 3.93
C ASN A 279 -16.83 21.66 2.48
N PRO A 280 -17.97 22.20 2.05
CA PRO A 280 -18.38 21.94 0.67
C PRO A 280 -17.34 22.24 -0.39
N SER A 281 -16.59 23.32 -0.22
CA SER A 281 -15.65 23.71 -1.27
C SER A 281 -14.56 22.72 -1.51
N ALA A 282 -14.35 21.83 -0.55
CA ALA A 282 -13.30 20.83 -0.69
C ALA A 282 -13.60 19.82 -1.80
N PHE A 283 -14.86 19.74 -2.23
CA PHE A 283 -15.21 18.71 -3.19
C PHE A 283 -15.33 19.09 -4.67
N ALA A 284 -14.74 20.21 -5.05
CA ALA A 284 -14.81 20.64 -6.45
C ALA A 284 -14.21 19.62 -7.42
N GLU A 285 -13.14 18.96 -7.00
CA GLU A 285 -12.48 18.00 -7.89
C GLU A 285 -13.12 16.64 -7.97
N SER A 286 -14.19 16.41 -7.21
CA SER A 286 -14.83 15.12 -7.16
C SER A 286 -15.82 14.88 -8.29
N TYR A 287 -15.29 14.88 -9.52
CA TYR A 287 -16.14 14.63 -10.68
C TYR A 287 -15.51 13.78 -11.75
N TRP A 288 -16.38 13.05 -12.45
CA TRP A 288 -16.02 12.22 -13.58
C TRP A 288 -16.27 13.11 -14.82
N LEU A 289 -15.42 13.02 -15.83
CA LEU A 289 -15.63 13.75 -17.08
C LEU A 289 -15.29 12.69 -18.12
N VAL A 290 -16.32 12.16 -18.78
CA VAL A 290 -16.16 11.06 -19.75
C VAL A 290 -15.96 11.49 -21.21
N ASN A 291 -14.92 10.97 -21.85
CA ASN A 291 -14.70 11.23 -23.27
C ASN A 291 -15.50 10.16 -24.01
N SER A 292 -15.41 8.92 -23.55
CA SER A 292 -16.17 7.84 -24.16
C SER A 292 -16.24 6.59 -23.28
N LEU A 293 -17.34 5.86 -23.39
CA LEU A 293 -17.57 4.63 -22.64
C LEU A 293 -18.10 3.70 -23.70
N ARG A 294 -17.37 2.63 -23.98
CA ARG A 294 -17.75 1.69 -25.01
C ARG A 294 -17.53 0.29 -24.49
N VAL A 295 -18.49 -0.58 -24.76
CA VAL A 295 -18.36 -1.98 -24.35
C VAL A 295 -18.33 -2.84 -25.60
N TYR A 296 -17.47 -3.87 -25.60
CA TYR A 296 -17.27 -4.78 -26.71
C TYR A 296 -17.47 -6.21 -26.27
N ALA A 297 -17.69 -7.10 -27.23
CA ALA A 297 -17.84 -8.53 -26.91
C ALA A 297 -17.03 -9.33 -27.93
N PRO A 298 -16.56 -10.52 -27.53
CA PRO A 298 -15.78 -11.37 -28.43
C PRO A 298 -16.74 -12.06 -29.42
N GLU B 1 31.89 21.84 8.79
CA GLU B 1 31.70 20.57 9.56
C GLU B 1 30.23 20.49 9.97
N PHE B 2 29.59 19.38 9.66
CA PHE B 2 28.17 19.20 9.97
C PHE B 2 27.92 17.99 10.86
N TYR B 3 28.60 16.89 10.54
CA TYR B 3 28.45 15.68 11.29
C TYR B 3 29.83 15.10 11.48
N HIS B 4 30.05 14.40 12.58
CA HIS B 4 31.35 13.76 12.83
C HIS B 4 31.12 12.34 13.29
N LEU B 5 32.00 11.44 12.90
CA LEU B 5 31.85 10.03 13.27
C LEU B 5 31.90 9.80 14.77
N VAL B 6 31.01 8.97 15.31
CA VAL B 6 31.07 8.62 16.72
C VAL B 6 31.08 7.10 16.92
N ASP B 7 30.77 6.32 15.89
CA ASP B 7 30.76 4.87 16.04
C ASP B 7 30.78 4.18 14.69
N ASP B 8 31.95 3.64 14.33
CA ASP B 8 32.14 2.89 13.10
C ASP B 8 32.06 1.44 13.55
N TYR B 9 31.16 0.68 12.97
CA TYR B 9 30.96 -0.69 13.39
C TYR B 9 31.89 -1.77 12.84
N GLY B 10 32.76 -1.42 11.89
CA GLY B 10 33.65 -2.43 11.36
C GLY B 10 32.98 -3.59 10.67
N ARG B 11 33.54 -4.79 10.77
CA ARG B 11 32.97 -5.94 10.09
C ARG B 11 33.31 -7.23 10.81
N GLY B 12 32.59 -8.29 10.46
CA GLY B 12 32.85 -9.57 11.07
C GLY B 12 32.79 -9.59 12.58
N ASN B 13 33.73 -10.30 13.18
CA ASN B 13 33.73 -10.38 14.63
C ASN B 13 33.83 -9.01 15.32
N GLY B 14 34.50 -8.05 14.67
CA GLY B 14 34.61 -6.72 15.23
C GLY B 14 33.25 -6.05 15.30
N PHE B 15 32.42 -6.31 14.30
CA PHE B 15 31.07 -5.80 14.23
C PHE B 15 30.23 -6.49 15.31
N PHE B 16 30.32 -7.83 15.41
CA PHE B 16 29.51 -8.53 16.39
C PHE B 16 29.87 -8.19 17.84
N ASP B 17 31.11 -7.80 18.08
CA ASP B 17 31.55 -7.46 19.44
C ASP B 17 30.83 -6.19 19.91
N LYS B 18 30.16 -5.49 19.00
CA LYS B 18 29.47 -4.25 19.36
C LYS B 18 27.98 -4.41 19.62
N PHE B 19 27.51 -5.65 19.59
CA PHE B 19 26.11 -5.97 19.83
C PHE B 19 25.94 -7.05 20.88
N ASN B 20 24.81 -6.99 21.60
CA ASN B 20 24.42 -8.03 22.54
C ASN B 20 23.43 -8.91 21.75
N PHE B 21 23.54 -10.23 21.82
CA PHE B 21 22.61 -11.07 21.08
C PHE B 21 21.40 -11.40 21.96
N PHE B 22 20.21 -11.04 21.50
CA PHE B 22 18.96 -11.29 22.23
C PHE B 22 18.56 -12.75 22.04
N THR B 23 18.26 -13.46 23.14
CA THR B 23 17.88 -14.87 23.02
C THR B 23 16.54 -15.18 23.71
N GLY B 24 15.81 -14.14 24.11
CA GLY B 24 14.52 -14.38 24.75
C GLY B 24 13.43 -14.67 23.74
N ASP B 25 12.25 -15.05 24.22
CA ASP B 25 11.12 -15.28 23.32
C ASP B 25 10.83 -13.99 22.53
N ASP B 26 10.42 -14.12 21.27
CA ASP B 26 10.14 -12.94 20.45
C ASP B 26 9.08 -11.99 21.02
N PRO B 27 9.42 -10.71 21.23
CA PRO B 27 8.43 -9.78 21.74
C PRO B 27 7.21 -9.68 20.81
N THR B 28 7.42 -9.92 19.51
CA THR B 28 6.33 -9.87 18.55
C THR B 28 5.69 -11.26 18.33
N HIS B 29 5.99 -12.17 19.26
CA HIS B 29 5.41 -13.49 19.31
C HIS B 29 5.52 -14.37 18.07
N GLY B 30 6.62 -14.18 17.33
CA GLY B 30 6.81 -14.96 16.11
C GLY B 30 7.26 -16.38 16.36
N TYR B 31 7.30 -17.12 15.26
CA TYR B 31 7.73 -18.51 15.29
C TYR B 31 9.23 -18.49 14.98
N VAL B 32 10.00 -17.97 15.94
CA VAL B 32 11.44 -17.81 15.77
C VAL B 32 12.18 -18.24 17.01
N ASP B 33 13.37 -18.81 16.82
CA ASP B 33 14.19 -19.25 17.93
C ASP B 33 15.47 -18.40 17.85
N TYR B 34 15.51 -17.31 18.62
CA TYR B 34 16.68 -16.44 18.59
C TYR B 34 17.81 -17.10 19.36
N VAL B 35 18.94 -17.29 18.69
CA VAL B 35 20.05 -17.98 19.32
C VAL B 35 21.23 -17.11 19.68
N SER B 36 22.11 -17.64 20.53
CA SER B 36 23.28 -16.93 20.98
C SER B 36 24.27 -16.79 19.82
N ARG B 37 25.24 -15.91 20.02
CA ARG B 37 26.30 -15.70 19.04
C ARG B 37 27.03 -17.02 18.75
N ASP B 38 27.34 -17.80 19.78
CA ASP B 38 28.09 -19.06 19.56
C ASP B 38 27.29 -20.07 18.77
N VAL B 39 26.02 -20.22 19.11
CA VAL B 39 25.13 -21.14 18.40
C VAL B 39 24.96 -20.63 16.95
N ALA B 40 24.82 -19.32 16.78
CA ALA B 40 24.65 -18.73 15.45
C ALA B 40 25.87 -19.03 14.60
N ALA B 41 27.05 -18.75 15.14
CA ALA B 41 28.25 -19.02 14.38
C ALA B 41 28.34 -20.52 14.04
N GLY B 42 27.93 -21.37 14.97
CA GLY B 42 28.00 -22.81 14.71
C GLY B 42 26.99 -23.29 13.66
N ALA B 43 25.97 -22.46 13.41
CA ALA B 43 24.91 -22.80 12.46
C ALA B 43 25.06 -22.06 11.13
N GLY B 44 26.15 -21.33 11.01
CA GLY B 44 26.37 -20.54 9.80
C GLY B 44 25.42 -19.34 9.72
N LEU B 45 24.81 -18.93 10.82
CA LEU B 45 23.86 -17.77 10.76
C LEU B 45 24.55 -16.40 10.81
N ILE B 46 25.81 -16.37 11.23
CA ILE B 46 26.57 -15.12 11.26
C ILE B 46 27.97 -15.41 10.78
N GLY B 47 28.63 -14.39 10.28
CA GLY B 47 30.00 -14.61 9.80
C GLY B 47 30.43 -13.48 8.90
N GLU B 48 31.47 -13.70 8.11
CA GLU B 48 31.95 -12.67 7.19
C GLU B 48 31.97 -13.27 5.79
N ARG B 49 31.59 -12.51 4.78
CA ARG B 49 31.58 -13.01 3.41
C ARG B 49 32.34 -12.02 2.56
N ASP B 50 33.53 -12.40 2.11
CA ASP B 50 34.34 -11.50 1.33
C ASP B 50 34.36 -10.07 1.91
N GLY B 51 34.54 -9.98 3.22
CA GLY B 51 34.64 -8.66 3.84
C GLY B 51 33.38 -7.94 4.26
N ARG B 52 32.22 -8.54 3.98
CA ARG B 52 30.93 -7.97 4.34
C ARG B 52 30.43 -8.77 5.55
N THR B 53 29.65 -8.16 6.41
CA THR B 53 29.17 -8.87 7.60
C THR B 53 27.85 -9.57 7.29
N TYR B 54 27.77 -10.86 7.57
CA TYR B 54 26.60 -11.68 7.29
C TYR B 54 25.78 -12.04 8.53
N MET B 55 24.46 -11.91 8.42
CA MET B 55 23.52 -12.29 9.50
C MET B 55 22.29 -12.85 8.78
N GLY B 56 22.03 -14.15 8.94
CA GLY B 56 20.90 -14.76 8.28
C GLY B 56 20.10 -15.69 9.18
N VAL B 57 19.35 -16.59 8.55
CA VAL B 57 18.51 -17.54 9.28
C VAL B 57 18.76 -18.96 8.78
N ASP B 58 18.33 -19.92 9.57
CA ASP B 58 18.44 -21.37 9.26
C ASP B 58 17.54 -21.69 8.05
N PHE B 59 18.12 -22.09 6.93
CA PHE B 59 17.28 -22.42 5.76
C PHE B 59 17.61 -23.88 5.39
N THR B 60 18.03 -24.63 6.39
CA THR B 60 18.44 -26.03 6.20
C THR B 60 17.57 -27.02 6.92
N ASN B 61 17.31 -26.75 8.20
CA ASN B 61 16.54 -27.67 9.02
C ASN B 61 15.07 -27.40 9.23
N PRO B 62 14.24 -28.45 9.25
CA PRO B 62 12.81 -28.28 9.50
C PRO B 62 12.86 -27.67 10.92
N ALA B 63 12.01 -26.71 11.23
CA ALA B 63 12.09 -26.06 12.53
C ALA B 63 11.45 -26.88 13.67
N SER B 64 11.81 -26.54 14.90
CA SER B 64 11.26 -27.20 16.08
C SER B 64 11.37 -26.23 17.23
N GLY B 65 10.85 -26.59 18.39
CA GLY B 65 10.94 -25.69 19.53
C GLY B 65 10.18 -24.38 19.34
N ARG B 66 10.83 -23.27 19.68
CA ARG B 66 10.21 -21.95 19.57
C ARG B 66 9.96 -21.53 18.11
N GLY B 67 10.64 -22.14 17.16
CA GLY B 67 10.47 -21.75 15.76
C GLY B 67 11.79 -21.81 15.00
N ARG B 68 11.82 -21.22 13.81
CA ARG B 68 13.03 -21.23 12.98
C ARG B 68 14.16 -20.38 13.58
N ARG B 69 15.38 -20.90 13.56
CA ARG B 69 16.50 -20.20 14.17
C ARG B 69 16.93 -18.94 13.44
N SER B 70 17.12 -17.87 14.22
CA SER B 70 17.55 -16.59 13.67
C SER B 70 18.37 -15.85 14.76
N VAL B 71 18.74 -14.61 14.47
CA VAL B 71 19.45 -13.80 15.46
C VAL B 71 18.83 -12.41 15.53
N ARG B 72 18.96 -11.81 16.70
CA ARG B 72 18.45 -10.49 16.98
C ARG B 72 19.59 -9.79 17.72
N LEU B 73 20.27 -8.91 17.02
CA LEU B 73 21.40 -8.18 17.58
C LEU B 73 20.95 -6.78 18.00
N GLU B 74 21.27 -6.41 19.24
CA GLU B 74 20.90 -5.09 19.79
C GLU B 74 22.17 -4.38 20.20
N SER B 75 22.42 -3.18 19.67
CA SER B 75 23.69 -2.52 19.96
C SER B 75 23.95 -2.24 21.41
N LYS B 76 25.23 -2.27 21.78
CA LYS B 76 25.61 -2.01 23.14
C LYS B 76 25.51 -0.52 23.37
N ASN B 77 25.91 0.26 22.36
CA ASN B 77 25.86 1.72 22.45
C ASN B 77 24.52 2.29 22.01
N THR B 78 24.14 3.41 22.61
CA THR B 78 22.89 4.10 22.27
C THR B 78 23.23 5.51 21.83
N TYR B 79 22.31 6.16 21.12
CA TYR B 79 22.54 7.50 20.61
C TYR B 79 21.27 8.33 20.80
N GLU B 80 21.41 9.58 21.22
CA GLU B 80 20.23 10.44 21.42
C GLU B 80 19.84 11.15 20.13
N HIS B 81 20.80 11.78 19.47
CA HIS B 81 20.57 12.46 18.20
C HIS B 81 21.68 11.96 17.31
N GLY B 82 21.53 12.09 16.00
CA GLY B 82 22.60 11.65 15.13
C GLY B 82 22.12 11.22 13.75
N LEU B 83 23.08 10.69 12.98
CA LEU B 83 22.85 10.20 11.63
C LEU B 83 23.36 8.74 11.63
N ILE B 84 22.52 7.81 11.23
CA ILE B 84 22.87 6.39 11.18
C ILE B 84 22.88 6.02 9.72
N VAL B 85 24.05 5.63 9.21
CA VAL B 85 24.19 5.28 7.82
C VAL B 85 24.55 3.80 7.67
N ILE B 86 23.72 3.04 6.98
CA ILE B 86 24.05 1.65 6.75
C ILE B 86 24.12 1.40 5.25
N ASP B 87 25.18 0.71 4.84
CA ASP B 87 25.40 0.39 3.42
C ASP B 87 25.26 -1.15 3.36
N LEU B 88 24.23 -1.59 2.67
CA LEU B 88 23.92 -3.01 2.59
C LEU B 88 24.09 -3.59 1.19
N ALA B 89 24.82 -4.71 1.09
CA ALA B 89 24.94 -5.38 -0.20
C ALA B 89 23.71 -6.29 -0.39
N HIS B 90 23.04 -6.67 0.70
CA HIS B 90 21.91 -7.56 0.61
C HIS B 90 21.09 -7.42 1.88
N MET B 91 19.78 -7.62 1.79
CA MET B 91 18.92 -7.58 2.98
C MET B 91 18.01 -8.76 2.88
N PRO B 92 17.39 -9.17 3.98
CA PRO B 92 16.49 -10.33 3.87
C PRO B 92 15.49 -10.11 2.70
N GLY B 93 15.34 -11.11 1.84
CA GLY B 93 14.45 -10.99 0.70
C GLY B 93 12.95 -10.98 1.01
N SER B 94 12.15 -10.85 -0.04
CA SER B 94 10.68 -10.82 0.10
C SER B 94 10.15 -12.25 0.23
N VAL B 95 10.52 -12.91 1.31
CA VAL B 95 10.18 -14.30 1.52
C VAL B 95 8.95 -14.49 2.40
N CYS B 96 8.01 -15.28 1.90
CA CYS B 96 6.78 -15.57 2.64
C CYS B 96 7.09 -16.06 4.02
N GLY B 97 6.39 -15.52 5.01
CA GLY B 97 6.57 -15.93 6.38
C GLY B 97 7.58 -15.14 7.19
N THR B 98 8.46 -14.38 6.52
CA THR B 98 9.48 -13.63 7.25
C THR B 98 9.08 -12.21 7.61
N TRP B 99 9.81 -11.64 8.57
CA TRP B 99 9.53 -10.27 9.03
C TRP B 99 10.85 -9.70 9.48
N PRO B 100 11.67 -9.24 8.51
CA PRO B 100 12.98 -8.65 8.80
C PRO B 100 12.87 -7.20 9.26
N ALA B 101 13.82 -6.73 10.03
CA ALA B 101 13.81 -5.35 10.45
C ALA B 101 15.17 -4.84 10.90
N PHE B 102 15.53 -3.65 10.43
CA PHE B 102 16.72 -2.95 10.89
C PHE B 102 16.02 -1.71 11.46
N TRP B 103 16.13 -1.47 12.77
CA TRP B 103 15.43 -0.38 13.43
C TRP B 103 16.14 0.08 14.71
N THR B 104 15.57 1.07 15.40
CA THR B 104 16.18 1.52 16.64
C THR B 104 15.12 1.45 17.73
N LEU B 105 15.55 1.19 18.96
CA LEU B 105 14.66 1.06 20.10
C LEU B 105 15.16 1.94 21.25
N GLY B 106 14.27 2.73 21.83
CA GLY B 106 14.66 3.60 22.91
C GLY B 106 14.86 2.87 24.23
N THR B 107 15.51 3.54 25.17
CA THR B 107 15.76 2.98 26.49
C THR B 107 14.50 3.11 27.33
N GLY B 108 14.30 2.19 28.27
CA GLY B 108 13.12 2.28 29.12
C GLY B 108 11.98 1.39 28.67
N ASP B 109 10.82 1.54 29.31
CA ASP B 109 9.65 0.75 28.96
C ASP B 109 8.98 1.12 27.62
N TRP B 110 8.67 0.10 26.83
CA TRP B 110 8.00 0.29 25.54
C TRP B 110 6.59 0.81 25.80
N PRO B 111 6.10 1.77 25.00
CA PRO B 111 6.83 2.39 23.89
C PRO B 111 7.31 3.79 24.25
N TYR B 112 7.47 4.07 25.53
CA TYR B 112 7.86 5.39 25.99
C TYR B 112 9.20 5.94 25.51
N GLY B 113 10.11 5.07 25.10
CA GLY B 113 11.40 5.54 24.60
C GLY B 113 11.38 5.72 23.08
N GLY B 114 10.26 5.32 22.49
CA GLY B 114 10.09 5.39 21.05
C GLY B 114 10.84 4.25 20.34
N ALA B 115 10.57 4.10 19.03
CA ALA B 115 11.23 3.09 18.19
C ALA B 115 11.08 3.62 16.75
N ILE B 116 12.11 3.36 15.95
CA ILE B 116 12.16 3.83 14.56
C ILE B 116 12.45 2.65 13.66
N ASP B 117 11.50 2.23 12.82
CA ASP B 117 11.76 1.11 11.91
C ASP B 117 12.24 1.69 10.58
N ILE B 118 13.53 1.46 10.27
CA ILE B 118 14.19 1.99 9.08
C ILE B 118 13.98 1.11 7.84
N ILE B 119 14.25 -0.19 8.01
CA ILE B 119 14.02 -1.16 6.97
C ILE B 119 13.13 -2.20 7.60
N GLU B 120 11.93 -2.39 7.05
CA GLU B 120 11.02 -3.38 7.62
C GLU B 120 9.91 -3.80 6.63
N GLY B 121 9.50 -5.05 6.74
CA GLY B 121 8.42 -5.55 5.90
C GLY B 121 8.05 -6.96 6.32
N VAL B 122 7.05 -7.56 5.67
CA VAL B 122 6.68 -8.92 5.96
C VAL B 122 6.39 -9.65 4.69
N ASN B 123 6.45 -10.97 4.79
CA ASN B 123 6.09 -11.84 3.68
C ASN B 123 6.59 -11.41 2.32
N ASP B 124 5.72 -11.36 1.32
CA ASP B 124 6.24 -10.97 -0.01
C ASP B 124 6.18 -9.50 -0.34
N ASN B 125 6.31 -8.64 0.68
CA ASN B 125 6.27 -7.21 0.45
C ASN B 125 7.29 -6.79 -0.59
N THR B 126 6.91 -5.76 -1.33
CA THR B 126 7.71 -5.17 -2.40
C THR B 126 8.41 -3.86 -1.99
N PHE B 127 7.67 -3.02 -1.28
CA PHE B 127 8.16 -1.69 -0.86
C PHE B 127 8.57 -1.61 0.60
N ASN B 128 9.61 -0.85 0.90
CA ASN B 128 10.02 -0.70 2.29
C ASN B 128 8.99 0.12 3.05
N HIS B 129 8.81 -0.18 4.34
CA HIS B 129 7.90 0.58 5.19
C HIS B 129 8.69 1.14 6.35
N MET B 130 8.74 2.47 6.44
CA MET B 130 9.46 3.19 7.49
C MET B 130 8.38 3.62 8.50
N VAL B 131 8.53 3.15 9.73
CA VAL B 131 7.50 3.38 10.74
C VAL B 131 8.03 3.74 12.12
N LEU B 132 7.37 4.69 12.80
CA LEU B 132 7.77 5.05 14.17
C LEU B 132 6.71 4.53 15.12
N HIS B 133 7.09 4.29 16.38
CA HIS B 133 6.20 3.75 17.41
C HIS B 133 6.47 4.61 18.64
N THR B 134 5.42 5.21 19.19
CA THR B 134 5.59 6.09 20.34
C THR B 134 4.42 5.96 21.31
N SER B 135 4.51 6.67 22.43
CA SER B 135 3.38 6.67 23.36
C SER B 135 2.38 7.69 22.78
N ASP B 136 1.30 7.97 23.51
CA ASP B 136 0.26 8.90 23.03
C ASP B 136 0.69 10.36 22.85
N GLY B 137 0.15 11.01 21.81
CA GLY B 137 0.50 12.39 21.58
C GLY B 137 1.59 12.62 20.54
N CYS B 138 1.57 11.84 19.47
CA CYS B 138 2.57 12.00 18.41
C CYS B 138 1.98 11.59 17.05
N THR B 139 1.76 12.59 16.21
CA THR B 139 1.21 12.38 14.87
C THR B 139 2.12 13.17 13.90
N ILE B 140 2.16 12.76 12.65
CA ILE B 140 3.07 13.38 11.70
C ILE B 140 2.39 14.12 10.57
N ASP B 141 3.11 15.03 9.92
CA ASP B 141 2.58 15.82 8.81
C ASP B 141 2.74 15.09 7.47
N ASN B 142 2.10 15.62 6.43
CA ASN B 142 2.14 14.98 5.11
C ASN B 142 3.20 15.46 4.17
N ASP B 143 4.09 16.33 4.60
CA ASP B 143 5.05 16.75 3.58
C ASP B 143 6.54 16.63 3.85
N GLY B 144 7.29 16.93 2.80
CA GLY B 144 8.73 16.87 2.89
C GLY B 144 9.34 15.52 2.53
N PHE B 145 8.55 14.63 1.93
CA PHE B 145 9.11 13.31 1.57
C PHE B 145 8.56 12.77 0.27
N THR B 146 9.23 11.77 -0.30
CA THR B 146 8.80 11.20 -1.55
C THR B 146 7.90 9.99 -1.39
N GLY B 147 7.98 9.32 -0.25
CA GLY B 147 7.14 8.15 -0.02
C GLY B 147 5.64 8.45 0.09
N ASN B 148 4.85 7.38 0.29
CA ASN B 148 3.38 7.48 0.44
C ASN B 148 3.03 7.27 1.92
N LEU B 149 2.53 8.30 2.60
CA LEU B 149 2.19 8.12 4.01
C LEU B 149 0.99 7.16 4.08
N LYS B 150 1.04 6.21 5.01
CA LYS B 150 -0.02 5.24 5.19
C LYS B 150 -0.77 5.51 6.49
N THR B 151 -0.01 5.75 7.55
CA THR B 151 -0.64 6.03 8.83
C THR B 151 0.01 7.25 9.46
N SER B 152 -0.82 8.13 10.02
CA SER B 152 -0.34 9.37 10.60
C SER B 152 -0.12 9.42 12.11
N ASN B 153 -0.68 8.47 12.85
CA ASN B 153 -0.55 8.46 14.30
C ASN B 153 0.51 7.44 14.75
N CYS B 154 1.55 7.90 15.44
CA CYS B 154 2.65 7.06 15.86
C CYS B 154 2.37 6.27 17.12
N TYR B 155 1.29 6.61 17.81
CA TYR B 155 0.90 5.96 19.06
C TYR B 155 0.58 4.49 18.85
N VAL B 156 1.32 3.62 19.52
CA VAL B 156 1.11 2.20 19.33
C VAL B 156 -0.27 1.67 19.70
N TYR B 157 -0.96 2.35 20.62
CA TYR B 157 -2.28 1.83 20.97
C TYR B 157 -3.45 2.65 20.45
N ALA B 158 -3.19 3.48 19.44
CA ALA B 158 -4.24 4.27 18.83
C ALA B 158 -5.34 3.34 18.31
N PRO B 159 -6.60 3.69 18.56
CA PRO B 159 -7.72 2.87 18.10
C PRO B 159 -7.67 2.65 16.58
N GLY B 160 -7.93 1.42 16.16
CA GLY B 160 -7.83 1.11 14.75
C GLY B 160 -6.33 0.88 14.66
N GLN B 161 -5.68 1.47 13.69
CA GLN B 161 -4.24 1.29 13.57
C GLN B 161 -3.95 -0.06 12.93
N ASP B 162 -3.29 0.00 11.78
CA ASP B 162 -2.95 -1.18 10.99
C ASP B 162 -2.04 -2.11 11.75
N ALA B 163 -1.63 -3.17 11.08
CA ALA B 163 -0.71 -4.14 11.65
C ALA B 163 0.59 -3.36 11.80
N ASN B 164 1.35 -3.61 12.86
CA ASN B 164 2.60 -2.86 13.10
C ASN B 164 2.19 -1.42 13.41
N ALA B 165 1.30 -1.29 14.40
CA ALA B 165 0.77 -0.01 14.84
C ALA B 165 1.80 1.07 15.04
N GLY B 166 1.73 2.09 14.21
CA GLY B 166 2.65 3.20 14.30
C GLY B 166 2.32 4.08 13.14
N CYS B 167 3.13 5.11 12.92
CA CYS B 167 2.94 6.04 11.83
C CYS B 167 3.95 5.62 10.75
N GLY B 168 3.45 5.11 9.63
CA GLY B 168 4.34 4.65 8.60
C GLY B 168 4.22 5.28 7.22
N ILE B 169 5.34 5.32 6.53
CA ILE B 169 5.43 5.83 5.17
C ILE B 169 5.98 4.70 4.30
N GLU B 170 5.36 4.49 3.15
CA GLU B 170 5.75 3.44 2.22
C GLU B 170 6.63 4.02 1.12
N ALA B 171 7.76 3.37 0.87
CA ALA B 171 8.68 3.84 -0.15
C ALA B 171 8.06 3.63 -1.51
N THR B 172 8.49 4.42 -2.49
CA THR B 172 7.91 4.27 -3.82
C THR B 172 8.78 3.44 -4.77
N ASP B 173 10.06 3.27 -4.45
CA ASP B 173 10.95 2.49 -5.31
C ASP B 173 10.80 0.98 -4.98
N PRO B 174 10.47 0.14 -5.99
CA PRO B 174 10.33 -1.29 -5.69
C PRO B 174 11.65 -1.93 -5.31
N ASN B 175 12.76 -1.21 -5.49
CA ASN B 175 14.06 -1.74 -5.10
C ASN B 175 14.44 -1.30 -3.68
N SER B 176 13.49 -0.69 -2.98
CA SER B 176 13.74 -0.20 -1.64
C SER B 176 13.71 -1.32 -0.60
N TYR B 177 13.25 -2.49 -1.00
CA TYR B 177 13.11 -3.60 -0.09
C TYR B 177 13.24 -4.99 -0.72
N GLY B 178 13.60 -5.95 0.11
CA GLY B 178 13.68 -7.35 -0.29
C GLY B 178 14.20 -7.74 -1.65
N LYS B 179 13.37 -8.45 -2.41
CA LYS B 179 13.79 -8.95 -3.69
C LYS B 179 14.42 -7.93 -4.63
N GLY B 180 13.72 -6.83 -4.88
CA GLY B 180 14.20 -5.76 -5.76
C GLY B 180 15.49 -5.15 -5.25
N PHE B 181 15.51 -4.92 -3.95
CA PHE B 181 16.69 -4.36 -3.31
C PHE B 181 17.88 -5.28 -3.59
N ASN B 182 17.68 -6.58 -3.44
CA ASN B 182 18.82 -7.46 -3.64
C ASN B 182 19.24 -7.58 -5.08
N SER B 183 18.26 -7.50 -5.98
CA SER B 183 18.57 -7.62 -7.40
C SER B 183 19.50 -6.53 -7.89
N ILE B 184 19.49 -5.37 -7.23
CA ILE B 184 20.37 -4.30 -7.68
C ILE B 184 21.64 -4.18 -6.85
N GLY B 185 21.84 -5.11 -5.93
CA GLY B 185 23.06 -5.04 -5.15
C GLY B 185 22.90 -4.14 -3.94
N GLY B 186 21.66 -3.92 -3.51
CA GLY B 186 21.43 -3.13 -2.32
C GLY B 186 21.49 -1.63 -2.49
N GLY B 187 21.91 -0.97 -1.42
CA GLY B 187 22.01 0.47 -1.42
C GLY B 187 22.26 0.97 -0.03
N ILE B 188 22.00 2.25 0.20
CA ILE B 188 22.28 2.87 1.48
C ILE B 188 21.03 3.49 2.12
N TYR B 189 20.83 3.25 3.40
CA TYR B 189 19.72 3.86 4.11
C TYR B 189 20.37 4.77 5.14
N ALA B 190 19.99 6.04 5.13
CA ALA B 190 20.56 7.01 6.07
C ALA B 190 19.39 7.54 6.87
N THR B 191 19.51 7.56 8.19
CA THR B 191 18.42 8.04 9.03
C THR B 191 18.95 9.12 9.95
N GLU B 192 18.26 10.25 9.97
CA GLU B 192 18.68 11.37 10.81
C GLU B 192 17.69 11.61 11.92
N ILE B 193 18.18 11.74 13.16
CA ILE B 193 17.33 11.97 14.32
C ILE B 193 17.72 13.32 14.95
N THR B 194 16.76 14.26 15.00
CA THR B 194 17.01 15.58 15.58
C THR B 194 15.89 15.97 16.53
N PRO B 195 16.04 17.08 17.26
CA PRO B 195 14.98 17.52 18.19
C PRO B 195 13.72 17.93 17.44
N ASN B 196 13.84 18.08 16.13
CA ASN B 196 12.72 18.51 15.29
C ASN B 196 12.10 17.43 14.41
N GLY B 197 12.55 16.18 14.54
CA GLY B 197 11.98 15.14 13.73
C GLY B 197 13.01 14.11 13.28
N ILE B 198 12.54 13.21 12.44
CA ILE B 198 13.35 12.13 11.91
C ILE B 198 13.19 12.06 10.40
N SER B 199 14.28 11.81 9.68
CA SER B 199 14.24 11.68 8.22
C SER B 199 15.01 10.43 7.81
N ILE B 200 14.48 9.73 6.81
CA ILE B 200 15.12 8.52 6.30
C ILE B 200 15.28 8.62 4.79
N TRP B 201 16.52 8.49 4.31
CA TRP B 201 16.83 8.52 2.89
C TRP B 201 17.21 7.13 2.39
N PHE B 202 16.77 6.79 1.19
CA PHE B 202 17.15 5.52 0.57
C PHE B 202 17.88 5.84 -0.73
N PHE B 203 19.15 5.40 -0.85
CA PHE B 203 19.91 5.62 -2.08
C PHE B 203 20.19 4.27 -2.71
N PRO B 204 19.52 3.94 -3.84
CA PRO B 204 19.79 2.62 -4.45
C PRO B 204 21.24 2.56 -4.92
N ARG B 205 21.82 1.36 -4.94
CA ARG B 205 23.22 1.18 -5.30
C ARG B 205 23.77 2.14 -6.38
N GLY B 206 24.82 2.87 -6.03
CA GLY B 206 25.45 3.80 -6.97
C GLY B 206 24.83 5.19 -7.12
N SER B 207 23.74 5.50 -6.41
CA SER B 207 23.13 6.81 -6.59
C SER B 207 23.35 7.67 -5.38
N GLU B 208 24.04 7.13 -4.40
CA GLU B 208 24.26 7.86 -3.15
C GLU B 208 25.07 9.14 -3.26
N PRO B 209 24.87 10.06 -2.32
CA PRO B 209 25.59 11.33 -2.28
C PRO B 209 27.08 10.99 -2.09
N GLY B 210 27.95 11.79 -2.70
CA GLY B 210 29.37 11.53 -2.57
C GLY B 210 29.94 11.63 -1.16
N ASP B 211 29.16 12.10 -0.19
CA ASP B 211 29.69 12.26 1.15
C ASP B 211 29.03 11.37 2.20
N VAL B 212 28.10 10.52 1.80
CA VAL B 212 27.38 9.72 2.80
C VAL B 212 28.18 8.62 3.51
N LEU B 213 29.25 8.14 2.90
CA LEU B 213 30.06 7.09 3.51
C LEU B 213 31.31 7.67 4.18
N GLY B 214 31.56 8.97 3.94
CA GLY B 214 32.75 9.65 4.45
C GLY B 214 32.78 10.13 5.88
N ASP B 215 33.65 11.10 6.17
CA ASP B 215 33.78 11.60 7.53
C ASP B 215 32.92 12.79 7.94
N ASN B 216 32.25 13.44 7.00
CA ASN B 216 31.41 14.54 7.40
C ASN B 216 30.24 14.70 6.48
N PRO B 217 29.34 13.72 6.54
CA PRO B 217 28.14 13.74 5.70
C PRO B 217 27.25 14.95 6.03
N ASN B 218 26.63 15.52 5.01
CA ASN B 218 25.76 16.67 5.23
C ASN B 218 24.37 16.46 4.62
N PRO B 219 23.44 15.95 5.44
CA PRO B 219 22.08 15.70 4.98
C PRO B 219 21.36 16.92 4.42
N ALA B 220 21.72 18.12 4.89
CA ALA B 220 21.07 19.33 4.40
C ALA B 220 21.12 19.47 2.87
N ASN B 221 22.15 18.92 2.23
CA ASN B 221 22.26 19.02 0.79
C ASN B 221 21.82 17.79 0.01
N TRP B 222 21.20 16.82 0.68
CA TRP B 222 20.79 15.62 -0.06
C TRP B 222 19.42 15.79 -0.70
N ASP B 223 19.08 14.92 -1.65
CA ASP B 223 17.78 14.95 -2.31
C ASP B 223 16.70 14.71 -1.24
N THR B 224 15.44 14.94 -1.61
CA THR B 224 14.32 14.76 -0.68
C THR B 224 14.31 13.36 -0.10
N PRO B 225 14.06 13.24 1.21
CA PRO B 225 14.03 11.91 1.80
C PRO B 225 12.82 11.07 1.42
N ALA B 226 12.99 9.76 1.50
CA ALA B 226 11.91 8.84 1.22
C ALA B 226 10.83 9.01 2.30
N ALA B 227 11.27 9.28 3.52
CA ALA B 227 10.33 9.48 4.62
C ALA B 227 10.82 10.55 5.55
N LYS B 228 9.89 11.39 6.02
CA LYS B 228 10.20 12.41 7.00
C LYS B 228 9.04 12.39 8.00
N PHE B 229 9.40 12.38 9.29
CA PHE B 229 8.44 12.34 10.38
C PHE B 229 8.70 13.65 11.11
N ALA B 230 7.71 14.55 11.02
CA ALA B 230 7.85 15.86 11.62
C ALA B 230 6.51 16.57 11.78
N GLY B 231 6.53 17.72 12.47
CA GLY B 231 5.31 18.47 12.69
C GLY B 231 5.02 18.80 14.14
N GLY B 232 4.10 19.75 14.33
CA GLY B 232 3.70 20.20 15.66
C GLY B 232 2.84 19.24 16.42
N GLY B 233 2.40 18.17 15.76
CA GLY B 233 1.57 17.19 16.45
C GLY B 233 2.37 16.19 17.29
N CYS B 234 3.65 16.46 17.48
CA CYS B 234 4.51 15.58 18.25
C CYS B 234 5.66 16.30 18.94
N ASP B 235 5.96 15.89 20.16
CA ASP B 235 7.11 16.46 20.86
C ASP B 235 8.28 15.54 20.48
N TRP B 236 8.94 15.86 19.36
CA TRP B 236 10.03 15.02 18.86
C TRP B 236 11.17 14.75 19.83
N GLU B 237 11.47 15.73 20.67
CA GLU B 237 12.56 15.52 21.61
C GLU B 237 12.15 14.61 22.76
N GLY B 238 10.94 14.79 23.28
CA GLY B 238 10.51 13.99 24.41
C GLY B 238 10.02 12.59 24.11
N LYS B 239 9.50 12.38 22.91
CA LYS B 239 8.97 11.08 22.54
C LYS B 239 10.03 10.03 22.24
N PHE B 240 11.27 10.48 22.05
CA PHE B 240 12.37 9.57 21.75
C PHE B 240 13.57 9.79 22.65
N ASN B 241 14.00 8.75 23.36
CA ASN B 241 15.22 8.93 24.15
C ASN B 241 16.37 8.19 23.46
N ALA B 242 17.43 7.83 24.20
CA ALA B 242 18.57 7.17 23.57
C ALA B 242 18.15 5.89 22.86
N GLN B 243 18.56 5.76 21.61
CA GLN B 243 18.20 4.62 20.77
C GLN B 243 19.32 3.62 20.52
N ARG B 244 19.00 2.32 20.58
CA ARG B 244 20.01 1.31 20.28
C ARG B 244 19.64 0.68 18.93
N LEU B 245 20.63 0.26 18.15
CA LEU B 245 20.35 -0.29 16.82
C LEU B 245 20.04 -1.77 16.93
N ILE B 246 19.10 -2.23 16.12
CA ILE B 246 18.70 -3.61 16.15
C ILE B 246 18.54 -4.20 14.77
N PHE B 247 19.09 -5.42 14.59
CA PHE B 247 18.91 -6.19 13.35
C PHE B 247 18.20 -7.45 13.79
N ASP B 248 17.15 -7.84 13.10
CA ASP B 248 16.52 -9.10 13.39
C ASP B 248 15.73 -9.62 12.20
N VAL B 249 15.38 -10.89 12.27
CA VAL B 249 14.45 -11.44 11.29
C VAL B 249 13.61 -12.37 12.13
N THR B 250 12.31 -12.08 12.23
CA THR B 250 11.44 -13.00 12.95
C THR B 250 10.54 -13.66 11.89
N PHE B 251 9.64 -14.54 12.32
CA PHE B 251 8.73 -15.27 11.41
C PHE B 251 7.32 -15.25 11.95
N CYS B 252 6.35 -15.11 11.06
CA CYS B 252 4.95 -15.13 11.44
C CYS B 252 4.63 -14.10 12.53
N GLY B 253 4.00 -14.50 13.62
CA GLY B 253 3.78 -13.51 14.67
C GLY B 253 2.70 -12.46 14.47
N ASP B 254 2.76 -11.44 15.32
CA ASP B 254 1.78 -10.38 15.34
C ASP B 254 1.46 -9.68 14.04
N TRP B 255 2.44 -9.57 13.16
CA TRP B 255 2.15 -8.94 11.88
C TRP B 255 2.16 -9.96 10.74
N ALA B 256 3.33 -10.49 10.40
CA ALA B 256 3.44 -11.42 9.29
C ALA B 256 2.51 -12.61 9.41
N GLY B 257 2.41 -13.18 10.60
CA GLY B 257 1.54 -14.34 10.79
C GLY B 257 0.07 -13.99 10.72
N ASN B 258 -0.26 -12.84 11.27
CA ASN B 258 -1.64 -12.37 11.32
C ASN B 258 -2.20 -12.04 9.97
N VAL B 259 -1.38 -11.53 9.06
CA VAL B 259 -1.90 -11.17 7.72
C VAL B 259 -1.61 -12.24 6.65
N TRP B 260 -0.97 -13.32 7.06
CA TRP B 260 -0.66 -14.40 6.16
C TRP B 260 -1.84 -14.84 5.31
N GLY B 261 -2.96 -15.14 5.95
CA GLY B 261 -4.12 -15.64 5.23
C GLY B 261 -4.84 -14.77 4.23
N ILE B 262 -4.57 -13.47 4.22
CA ILE B 262 -5.28 -12.62 3.26
C ILE B 262 -4.37 -12.07 2.18
N GLY B 263 -3.06 -12.37 2.29
CA GLY B 263 -2.12 -11.86 1.29
C GLY B 263 -1.63 -12.81 0.20
N GLY B 264 -0.57 -12.37 -0.46
CA GLY B 264 0.03 -13.13 -1.56
C GLY B 264 0.70 -14.43 -1.19
N CYS B 265 0.85 -14.71 0.11
CA CYS B 265 1.45 -15.97 0.53
C CYS B 265 0.44 -17.00 1.00
N ALA B 266 -0.82 -16.59 1.09
CA ALA B 266 -1.88 -17.44 1.61
C ALA B 266 -1.97 -18.83 1.00
N SER B 267 -1.63 -18.95 -0.27
CA SER B 267 -1.74 -20.23 -0.95
C SER B 267 -0.59 -21.19 -0.68
N ARG B 268 0.44 -20.73 0.03
CA ARG B 268 1.61 -21.56 0.26
C ARG B 268 1.38 -22.60 1.36
N ALA B 269 0.47 -22.32 2.28
CA ALA B 269 0.17 -23.22 3.39
C ALA B 269 -1.02 -22.62 4.11
N ALA B 270 -1.73 -23.43 4.88
CA ALA B 270 -2.88 -22.91 5.61
C ALA B 270 -2.46 -21.86 6.62
N ASN B 271 -1.35 -22.11 7.31
CA ASN B 271 -0.84 -21.21 8.34
C ASN B 271 0.59 -20.81 8.02
N CYS B 272 0.98 -19.63 8.47
CA CYS B 272 2.36 -19.16 8.32
C CYS B 272 3.32 -20.13 9.07
N VAL B 273 2.94 -20.56 10.26
CA VAL B 273 3.78 -21.45 11.03
C VAL B 273 4.11 -22.74 10.31
N ASP B 274 3.11 -23.38 9.71
CA ASP B 274 3.34 -24.63 9.01
C ASP B 274 4.31 -24.40 7.86
N PHE B 275 4.12 -23.30 7.15
CA PHE B 275 5.04 -22.99 6.04
C PHE B 275 6.48 -22.82 6.52
N VAL B 276 6.67 -21.98 7.53
CA VAL B 276 8.01 -21.73 8.06
C VAL B 276 8.64 -22.99 8.64
N ARG B 277 7.83 -23.78 9.34
CA ARG B 277 8.36 -24.99 9.94
C ARG B 277 8.81 -26.03 8.93
N ASP B 278 8.00 -26.24 7.89
CA ASP B 278 8.29 -27.29 6.94
C ASP B 278 9.03 -26.97 5.64
N ASN B 279 9.38 -25.70 5.40
CA ASN B 279 10.06 -25.39 4.14
C ASN B 279 11.32 -24.60 4.39
N PRO B 280 12.32 -25.24 5.01
CA PRO B 280 13.56 -24.52 5.29
C PRO B 280 14.19 -23.88 4.09
N SER B 281 14.14 -24.54 2.95
CA SER B 281 14.82 -23.99 1.78
C SER B 281 14.29 -22.65 1.32
N ALA B 282 13.07 -22.30 1.72
CA ALA B 282 12.47 -21.02 1.29
C ALA B 282 13.22 -19.83 1.82
N PHE B 283 14.01 -20.03 2.88
CA PHE B 283 14.67 -18.92 3.54
C PHE B 283 16.11 -18.59 3.23
N ALA B 284 16.64 -19.14 2.15
CA ALA B 284 18.03 -18.82 1.79
C ALA B 284 18.28 -17.30 1.61
N GLU B 285 17.30 -16.56 1.07
CA GLU B 285 17.51 -15.12 0.83
C GLU B 285 17.32 -14.25 2.04
N SER B 286 16.94 -14.85 3.15
CA SER B 286 16.69 -14.07 4.34
C SER B 286 17.94 -13.69 5.13
N TYR B 287 18.85 -12.94 4.48
CA TYR B 287 20.06 -12.52 5.18
C TYR B 287 20.48 -11.07 4.91
N TRP B 288 21.13 -10.49 5.91
CA TRP B 288 21.70 -9.15 5.83
C TRP B 288 23.16 -9.31 5.41
N LEU B 289 23.64 -8.43 4.54
CA LEU B 289 25.04 -8.47 4.16
C LEU B 289 25.46 -7.01 4.22
N VAL B 290 26.19 -6.67 5.27
CA VAL B 290 26.60 -5.29 5.56
C VAL B 290 27.94 -4.86 4.99
N ASN B 291 27.94 -3.74 4.27
CA ASN B 291 29.19 -3.20 3.73
C ASN B 291 29.79 -2.32 4.83
N SER B 292 28.95 -1.48 5.44
CA SER B 292 29.39 -0.61 6.52
C SER B 292 28.21 -0.08 7.34
N LEU B 293 28.45 0.20 8.61
CA LEU B 293 27.42 0.75 9.49
C LEU B 293 28.17 1.81 10.29
N ARG B 294 27.75 3.06 10.17
CA ARG B 294 28.45 4.15 10.84
C ARG B 294 27.46 5.10 11.42
N VAL B 295 27.76 5.57 12.64
CA VAL B 295 26.89 6.52 13.30
C VAL B 295 27.66 7.82 13.53
N TYR B 296 26.98 8.94 13.28
CA TYR B 296 27.57 10.27 13.41
C TYR B 296 26.76 11.11 14.36
N ALA B 297 27.37 12.21 14.81
CA ALA B 297 26.68 13.12 15.71
C ALA B 297 26.94 14.52 15.19
N PRO B 298 25.96 15.43 15.37
CA PRO B 298 26.07 16.81 14.92
C PRO B 298 27.09 17.59 15.76
#